data_4B5U
#
_entry.id   4B5U
#
_cell.length_a   151.130
_cell.length_b   151.130
_cell.length_c   151.130
_cell.angle_alpha   90.00
_cell.angle_beta   90.00
_cell.angle_gamma   90.00
#
_symmetry.space_group_name_H-M   'P 21 3'
#
loop_
_entity.id
_entity.type
_entity.pdbx_description
1 polymer '4-HYDROXY-2-OXO-HEPTANE-1,7-DIOATE ALDOLASE'
2 non-polymer 'COBALT (II) ION'
3 non-polymer 'MAGNESIUM ION'
4 non-polymer GLYCEROL
5 non-polymer 'PYRUVIC ACID'
6 non-polymer '4-oxobutanoic acid'
7 water water
#
_entity_poly.entity_id   1
_entity_poly.type   'polypeptide(L)'
_entity_poly.pdbx_seq_one_letter_code
;MENSFKAALKAGRPQIGLWLGLSSSYSAELLAGAGFDWLLIDGEHAPNNVQTVLTQLQAIAPYPSQPVVRPSWNDPVQIK
QLLDVGTQTLLVPMVQNADEAREAVRATRYPPAGIRGVGSALARASRWNRIPDYLQKANDQMCVLVQIETREAMKNLPQI
LDVEGVDGVFIGPADLSADMGYAGNPQHPEVQAAIEQAIVQIRESGKAPGILIANEQLAKRYLELGALFVAVGVDTTLLA
RAAEALAARFG
;
_entity_poly.pdbx_strand_id   A,B
#
# COMPACT_ATOMS: atom_id res chain seq x y z
N MET A 1 -11.57 15.35 22.92
CA MET A 1 -10.53 14.29 23.04
C MET A 1 -11.10 13.00 23.63
N GLU A 2 -12.43 12.87 23.61
CA GLU A 2 -13.09 11.66 24.07
C GLU A 2 -12.57 10.51 23.25
N ASN A 3 -12.30 9.40 23.91
CA ASN A 3 -11.87 8.20 23.20
C ASN A 3 -13.08 7.36 22.85
N SER A 4 -13.52 7.43 21.60
CA SER A 4 -14.73 6.74 21.19
C SER A 4 -14.55 5.23 21.07
N PHE A 5 -13.34 4.79 20.75
CA PHE A 5 -13.04 3.36 20.73
C PHE A 5 -13.22 2.79 22.13
N LYS A 6 -12.65 3.46 23.12
CA LYS A 6 -12.75 3.03 24.51
C LYS A 6 -14.23 2.99 24.99
N ALA A 7 -15.00 4.02 24.63
CA ALA A 7 -16.41 4.08 25.02
C ALA A 7 -17.20 2.93 24.39
N ALA A 8 -16.88 2.62 23.13
CA ALA A 8 -17.51 1.49 22.44
C ALA A 8 -17.21 0.15 23.12
N LEU A 9 -15.95 -0.10 23.49
CA LEU A 9 -15.60 -1.30 24.23
C LEU A 9 -16.39 -1.38 25.53
N LYS A 10 -16.42 -0.28 26.27
CA LYS A 10 -17.10 -0.27 27.56
C LYS A 10 -18.60 -0.56 27.42
N ALA A 11 -19.20 -0.12 26.30
CA ALA A 11 -20.61 -0.33 26.02
C ALA A 11 -20.90 -1.69 25.39
N GLY A 12 -19.87 -2.49 25.18
CA GLY A 12 -20.05 -3.80 24.56
C GLY A 12 -20.40 -3.80 23.09
N ARG A 13 -20.02 -2.74 22.38
CA ARG A 13 -20.22 -2.71 20.93
C ARG A 13 -18.98 -3.24 20.20
N PRO A 14 -19.13 -4.36 19.48
CA PRO A 14 -17.96 -4.96 18.81
C PRO A 14 -17.36 -4.04 17.75
N GLN A 15 -16.04 -3.96 17.73
CA GLN A 15 -15.32 -3.08 16.80
C GLN A 15 -14.47 -3.93 15.86
N ILE A 16 -14.73 -3.76 14.56
CA ILE A 16 -14.07 -4.53 13.54
C ILE A 16 -12.83 -3.74 13.03
N GLY A 17 -11.67 -4.36 12.99
CA GLY A 17 -10.44 -3.65 12.65
C GLY A 17 -9.68 -4.16 11.46
N LEU A 18 -8.75 -3.33 10.96
CA LEU A 18 -7.78 -3.74 9.97
C LEU A 18 -6.37 -3.40 10.49
N TRP A 19 -5.42 -4.28 10.26
CA TRP A 19 -4.04 -4.07 10.69
C TRP A 19 -3.30 -3.28 9.62
N LEU A 20 -2.53 -2.25 10.03
CA LEU A 20 -1.73 -1.47 9.09
C LEU A 20 -0.24 -1.74 9.28
N GLY A 21 0.34 -2.44 8.33
CA GLY A 21 1.76 -2.69 8.31
C GLY A 21 2.46 -2.07 7.11
N LEU A 22 1.74 -1.36 6.25
CA LEU A 22 2.38 -0.72 5.09
C LEU A 22 3.21 0.52 5.47
N SER A 23 3.06 1.01 6.70
CA SER A 23 3.93 2.05 7.24
C SER A 23 3.95 3.31 6.39
N SER A 24 2.80 3.67 5.85
CA SER A 24 2.69 4.81 4.96
C SER A 24 1.49 5.64 5.37
N SER A 25 1.66 6.96 5.44
CA SER A 25 0.55 7.85 5.75
C SER A 25 -0.44 7.89 4.58
N TYR A 26 0.05 7.56 3.39
CA TYR A 26 -0.79 7.61 2.20
C TYR A 26 -1.79 6.44 2.15
N SER A 27 -1.28 5.22 2.23
CA SER A 27 -2.17 4.06 2.27
C SER A 27 -3.00 4.04 3.55
N ALA A 28 -2.49 4.63 4.64
CA ALA A 28 -3.31 4.76 5.84
C ALA A 28 -4.57 5.58 5.58
N GLU A 29 -4.44 6.69 4.85
CA GLU A 29 -5.63 7.46 4.53
C GLU A 29 -6.58 6.67 3.65
N LEU A 30 -6.05 6.04 2.61
CA LEU A 30 -6.86 5.23 1.71
C LEU A 30 -7.66 4.20 2.50
N LEU A 31 -7.03 3.54 3.47
CA LEU A 31 -7.70 2.51 4.26
C LEU A 31 -8.63 3.08 5.33
N ALA A 32 -8.35 4.30 5.78
CA ALA A 32 -9.18 4.93 6.80
C ALA A 32 -10.61 5.20 6.30
N GLY A 33 -10.77 5.24 4.98
CA GLY A 33 -12.06 5.46 4.35
C GLY A 33 -12.76 4.18 3.96
N ALA A 34 -12.23 3.02 4.34
CA ALA A 34 -12.80 1.73 3.91
C ALA A 34 -13.93 1.19 4.80
N GLY A 35 -14.20 1.84 5.92
CA GLY A 35 -15.32 1.48 6.76
C GLY A 35 -15.03 0.68 8.01
N PHE A 36 -13.75 0.53 8.40
CA PHE A 36 -13.43 -0.19 9.63
C PHE A 36 -13.72 0.65 10.86
N ASP A 37 -14.02 -0.02 11.98
CA ASP A 37 -14.18 0.68 13.24
C ASP A 37 -12.83 1.14 13.81
N TRP A 38 -11.80 0.33 13.63
CA TRP A 38 -10.46 0.68 14.10
C TRP A 38 -9.34 0.19 13.16
N LEU A 39 -8.19 0.85 13.30
CA LEU A 39 -7.02 0.56 12.48
C LEU A 39 -5.83 0.46 13.42
N LEU A 40 -5.02 -0.58 13.24
CA LEU A 40 -3.89 -0.83 14.12
C LEU A 40 -2.59 -0.42 13.43
N ILE A 41 -1.94 0.63 13.95
CA ILE A 41 -0.66 1.07 13.42
C ILE A 41 0.42 0.30 14.17
N ASP A 42 1.09 -0.61 13.46
CA ASP A 42 1.93 -1.59 14.10
C ASP A 42 3.40 -1.15 14.20
N GLY A 43 3.81 -0.79 15.40
CA GLY A 43 5.16 -0.38 15.66
C GLY A 43 6.04 -1.55 16.09
N GLU A 44 5.46 -2.74 16.22
CA GLU A 44 6.24 -3.91 16.61
C GLU A 44 6.76 -4.72 15.41
N HIS A 45 5.91 -4.92 14.42
CA HIS A 45 6.23 -5.85 13.33
C HIS A 45 6.22 -5.22 11.96
N ALA A 46 6.06 -3.90 11.92
CA ALA A 46 6.19 -3.13 10.68
C ALA A 46 7.22 -2.02 10.92
N PRO A 47 7.87 -1.53 9.85
CA PRO A 47 8.92 -0.52 10.03
C PRO A 47 8.37 0.89 10.33
N ASN A 48 7.74 1.04 11.49
CA ASN A 48 7.26 2.32 11.99
C ASN A 48 8.10 2.84 13.14
N ASN A 49 8.03 4.15 13.36
CA ASN A 49 8.57 4.76 14.57
C ASN A 49 7.63 5.88 15.00
N VAL A 50 8.02 6.63 16.03
CA VAL A 50 7.12 7.64 16.58
C VAL A 50 6.72 8.61 15.48
N GLN A 51 7.68 8.96 14.63
CA GLN A 51 7.38 9.90 13.56
C GLN A 51 6.41 9.40 12.48
N THR A 52 6.54 8.15 12.07
CA THR A 52 5.59 7.64 11.08
C THR A 52 4.23 7.36 11.75
N VAL A 53 4.22 7.02 13.02
CA VAL A 53 2.94 6.89 13.75
C VAL A 53 2.21 8.24 13.69
N LEU A 54 2.94 9.30 14.00
CA LEU A 54 2.38 10.65 13.91
C LEU A 54 1.72 10.95 12.58
N THR A 55 2.41 10.67 11.48
CA THR A 55 1.84 11.01 10.19
C THR A 55 0.64 10.14 9.84
N GLN A 56 0.63 8.89 10.31
CA GLN A 56 -0.53 8.04 10.08
C GLN A 56 -1.72 8.52 10.93
N LEU A 57 -1.47 8.96 12.15
CA LEU A 57 -2.53 9.52 12.97
C LEU A 57 -3.12 10.74 12.28
N GLN A 58 -2.27 11.59 11.70
CA GLN A 58 -2.77 12.78 11.01
C GLN A 58 -3.62 12.40 9.81
N ALA A 59 -3.20 11.36 9.08
CA ALA A 59 -3.93 10.95 7.89
C ALA A 59 -5.32 10.39 8.26
N ILE A 60 -5.36 9.62 9.34
CA ILE A 60 -6.59 8.94 9.77
C ILE A 60 -7.60 9.89 10.45
N ALA A 61 -7.08 10.97 11.03
CA ALA A 61 -7.87 11.86 11.90
C ALA A 61 -9.27 12.27 11.39
N PRO A 62 -9.41 12.68 10.12
CA PRO A 62 -10.77 13.13 9.75
C PRO A 62 -11.78 12.02 9.49
N TYR A 63 -11.33 10.78 9.52
CA TYR A 63 -12.20 9.63 9.24
C TYR A 63 -12.81 9.05 10.50
N PRO A 64 -13.89 8.27 10.35
CA PRO A 64 -14.54 7.71 11.54
C PRO A 64 -13.74 6.55 12.18
N SER A 65 -12.92 5.88 11.40
CA SER A 65 -12.08 4.79 11.92
C SER A 65 -11.13 5.29 13.03
N GLN A 66 -11.06 4.55 14.14
CA GLN A 66 -10.26 4.97 15.27
C GLN A 66 -8.89 4.28 15.28
N PRO A 67 -7.83 5.08 15.49
CA PRO A 67 -6.48 4.50 15.54
C PRO A 67 -6.11 3.87 16.88
N VAL A 68 -5.43 2.73 16.76
CA VAL A 68 -4.83 2.04 17.88
C VAL A 68 -3.35 1.85 17.50
N VAL A 69 -2.46 2.01 18.46
CA VAL A 69 -1.03 1.89 18.16
C VAL A 69 -0.40 0.79 19.00
N ARG A 70 0.38 -0.05 18.33
CA ARG A 70 1.15 -1.06 19.03
C ARG A 70 2.62 -0.65 19.14
N PRO A 71 3.10 -0.39 20.37
CA PRO A 71 4.55 -0.12 20.50
C PRO A 71 5.36 -1.39 20.32
N SER A 72 6.67 -1.28 20.13
CA SER A 72 7.49 -2.45 19.88
C SER A 72 7.67 -3.33 21.10
N TRP A 73 7.48 -2.79 22.27
CA TRP A 73 7.61 -3.36 23.59
C TRP A 73 6.82 -2.57 24.66
N ASN A 74 6.60 -3.22 25.79
CA ASN A 74 6.03 -2.52 26.96
C ASN A 74 7.10 -1.62 27.59
N ASP A 75 7.37 -0.51 26.91
CA ASP A 75 8.48 0.38 27.28
C ASP A 75 7.91 1.74 27.62
N PRO A 76 8.06 2.16 28.88
CA PRO A 76 7.39 3.41 29.29
C PRO A 76 7.86 4.64 28.51
N VAL A 77 9.11 4.64 28.10
CA VAL A 77 9.67 5.80 27.39
C VAL A 77 9.04 5.89 26.00
N GLN A 78 9.02 4.76 25.29
CA GLN A 78 8.36 4.72 23.99
C GLN A 78 6.86 5.07 24.12
N ILE A 79 6.23 4.52 25.14
CA ILE A 79 4.81 4.82 25.36
C ILE A 79 4.58 6.34 25.59
N LYS A 80 5.41 6.95 26.42
CA LYS A 80 5.36 8.42 26.63
C LYS A 80 5.41 9.13 25.26
N GLN A 81 6.32 8.73 24.38
CA GLN A 81 6.48 9.44 23.11
C GLN A 81 5.26 9.27 22.18
N LEU A 82 4.73 8.06 22.15
CA LEU A 82 3.54 7.76 21.36
C LEU A 82 2.32 8.51 21.88
N LEU A 83 2.18 8.61 23.20
CA LEU A 83 1.03 9.33 23.75
C LEU A 83 1.12 10.82 23.41
N ASP A 84 2.33 11.38 23.48
CA ASP A 84 2.44 12.82 23.23
C ASP A 84 2.12 13.22 21.77
N VAL A 85 2.40 12.33 20.80
CA VAL A 85 2.01 12.61 19.44
C VAL A 85 0.51 12.36 19.20
N GLY A 86 -0.18 11.85 20.20
CA GLY A 86 -1.63 11.81 20.17
C GLY A 86 -2.27 10.44 20.30
N THR A 87 -1.47 9.41 20.56
CA THR A 87 -2.00 8.05 20.73
C THR A 87 -2.86 7.97 22.01
N GLN A 88 -4.09 7.50 21.91
CA GLN A 88 -4.94 7.30 23.12
C GLN A 88 -5.30 5.84 23.37
N THR A 89 -5.12 4.99 22.36
CA THR A 89 -5.38 3.56 22.52
C THR A 89 -4.15 2.77 22.12
N LEU A 90 -3.64 1.98 23.07
CA LEU A 90 -2.37 1.28 22.94
C LEU A 90 -2.56 -0.21 23.03
N LEU A 91 -1.93 -0.96 22.15
CA LEU A 91 -1.96 -2.43 22.19
C LEU A 91 -0.55 -2.89 22.55
N VAL A 92 -0.36 -3.35 23.78
CA VAL A 92 0.98 -3.59 24.29
C VAL A 92 1.35 -5.07 24.15
N PRO A 93 2.41 -5.37 23.37
CA PRO A 93 2.75 -6.78 23.17
C PRO A 93 3.43 -7.45 24.38
N MET A 94 3.32 -8.77 24.42
CA MET A 94 4.07 -9.64 25.35
C MET A 94 3.93 -9.24 26.80
N VAL A 95 2.69 -9.04 27.22
CA VAL A 95 2.40 -8.79 28.60
C VAL A 95 2.20 -10.15 29.27
N GLN A 96 3.09 -10.45 30.22
CA GLN A 96 3.24 -11.81 30.73
C GLN A 96 2.59 -12.03 32.09
N ASN A 97 2.35 -10.96 32.83
CA ASN A 97 1.85 -11.08 34.18
C ASN A 97 1.22 -9.77 34.62
N ALA A 98 0.64 -9.77 35.82
CA ALA A 98 -0.08 -8.60 36.32
C ALA A 98 0.84 -7.41 36.56
N ASP A 99 2.06 -7.65 37.02
CA ASP A 99 3.01 -6.55 37.23
C ASP A 99 3.27 -5.81 35.92
N GLU A 100 3.46 -6.55 34.85
CA GLU A 100 3.72 -5.93 33.55
C GLU A 100 2.49 -5.19 33.03
N ALA A 101 1.30 -5.76 33.25
CA ALA A 101 0.06 -5.09 32.90
C ALA A 101 -0.07 -3.78 33.67
N ARG A 102 0.22 -3.75 34.94
CA ARG A 102 0.21 -2.56 35.75
C ARG A 102 1.18 -1.51 35.24
N GLU A 103 2.35 -1.95 34.88
CA GLU A 103 3.34 -1.01 34.33
C GLU A 103 2.90 -0.41 33.00
N ALA A 104 2.23 -1.19 32.15
CA ALA A 104 1.64 -0.65 30.94
C ALA A 104 0.63 0.44 31.27
N VAL A 105 -0.26 0.15 32.20
CA VAL A 105 -1.25 1.14 32.61
C VAL A 105 -0.58 2.40 33.17
N ARG A 106 0.36 2.23 34.09
CA ARG A 106 0.98 3.38 34.74
C ARG A 106 1.75 4.28 33.75
N ALA A 107 2.28 3.68 32.69
CA ALA A 107 2.99 4.44 31.67
C ALA A 107 2.08 5.42 30.93
N THR A 108 0.77 5.18 30.97
CA THR A 108 -0.16 6.01 30.22
C THR A 108 -0.83 7.08 31.06
N ARG A 109 -0.52 7.13 32.35
CA ARG A 109 -1.22 8.01 33.27
C ARG A 109 -0.29 8.96 33.98
N TYR A 110 -0.69 10.22 34.03
CA TYR A 110 0.06 11.24 34.74
C TYR A 110 -0.01 10.99 36.26
N PRO A 111 1.02 11.44 36.99
CA PRO A 111 1.01 11.32 38.47
C PRO A 111 -0.23 11.98 39.06
N PRO A 112 -0.75 11.45 40.17
CA PRO A 112 -0.23 10.31 40.94
C PRO A 112 -0.68 8.94 40.41
N ALA A 113 -1.57 8.87 39.44
CA ALA A 113 -2.05 7.58 38.94
C ALA A 113 -0.98 6.81 38.13
N GLY A 114 0.05 7.49 37.63
CA GLY A 114 1.06 6.81 36.83
C GLY A 114 2.35 7.61 36.70
N ILE A 115 3.17 7.26 35.73
CA ILE A 115 4.50 7.88 35.58
C ILE A 115 4.69 8.60 34.25
N ARG A 116 3.59 8.91 33.58
CA ARG A 116 3.67 9.58 32.29
C ARG A 116 4.34 10.95 32.45
N GLY A 117 5.37 11.20 31.65
CA GLY A 117 6.10 12.46 31.69
C GLY A 117 5.27 13.60 31.11
N VAL A 118 5.41 14.79 31.69
CA VAL A 118 4.59 15.94 31.30
C VAL A 118 5.32 16.83 30.30
N GLY A 119 4.70 17.02 29.15
CA GLY A 119 5.23 17.88 28.11
C GLY A 119 4.12 18.41 27.24
N SER A 120 3.06 18.93 27.86
CA SER A 120 1.84 19.28 27.13
C SER A 120 1.98 20.41 26.13
N ALA A 121 2.83 21.40 26.42
CA ALA A 121 3.01 22.52 25.52
C ALA A 121 3.51 22.06 24.15
N LEU A 122 4.25 20.96 24.16
CA LEU A 122 4.90 20.43 22.95
C LEU A 122 4.10 19.40 22.20
N ALA A 123 2.99 18.95 22.78
CA ALA A 123 2.38 17.69 22.33
C ALA A 123 1.19 17.91 21.43
N ARG A 124 1.15 17.19 20.32
CA ARG A 124 -0.08 17.11 19.54
C ARG A 124 -1.25 16.61 20.43
N ALA A 125 -0.95 15.78 21.41
CA ALA A 125 -1.98 15.19 22.25
C ALA A 125 -2.90 16.26 22.90
N SER A 126 -2.32 17.37 23.32
CA SER A 126 -3.09 18.46 23.96
C SER A 126 -3.45 19.54 22.96
N ARG A 127 -3.21 19.24 21.69
CA ARG A 127 -3.17 20.22 20.61
C ARG A 127 -2.38 21.46 21.06
N TRP A 128 -1.18 21.21 21.56
CA TRP A 128 -0.22 22.27 21.95
C TRP A 128 -0.89 23.23 22.94
N ASN A 129 -1.52 22.62 23.94
CA ASN A 129 -2.20 23.30 25.06
C ASN A 129 -3.48 24.03 24.71
N ARG A 130 -4.04 23.69 23.56
CA ARG A 130 -5.30 24.26 23.16
C ARG A 130 -6.47 23.57 23.83
N ILE A 131 -6.29 22.29 24.20
CA ILE A 131 -7.33 21.59 24.91
C ILE A 131 -7.27 22.03 26.37
N PRO A 132 -8.36 22.64 26.87
CA PRO A 132 -8.33 23.16 28.25
C PRO A 132 -8.29 22.02 29.28
N ASP A 133 -7.50 22.18 30.33
CA ASP A 133 -7.43 21.18 31.38
C ASP A 133 -7.02 19.81 30.82
N TYR A 134 -6.20 19.82 29.78
CA TYR A 134 -5.73 18.57 29.19
C TYR A 134 -5.19 17.64 30.27
N LEU A 135 -4.33 18.18 31.15
CA LEU A 135 -3.65 17.32 32.12
C LEU A 135 -4.63 16.61 33.05
N GLN A 136 -5.75 17.25 33.35
CA GLN A 136 -6.75 16.64 34.22
C GLN A 136 -7.68 15.69 33.47
N LYS A 137 -7.79 15.86 32.15
CA LYS A 137 -8.70 15.05 31.36
C LYS A 137 -8.08 13.82 30.68
N ALA A 138 -6.75 13.83 30.53
CA ALA A 138 -6.08 12.85 29.68
C ALA A 138 -6.19 11.41 30.20
N ASN A 139 -5.97 11.22 31.50
CA ASN A 139 -5.87 9.86 32.04
C ASN A 139 -7.10 9.05 31.69
N ASP A 140 -8.27 9.65 31.85
CA ASP A 140 -9.52 8.92 31.70
C ASP A 140 -9.79 8.54 30.25
N GLN A 141 -9.12 9.16 29.30
CA GLN A 141 -9.36 8.83 27.91
C GLN A 141 -8.30 7.88 27.33
N MET A 142 -7.37 7.43 28.16
CA MET A 142 -6.41 6.41 27.74
C MET A 142 -7.05 5.02 27.79
N CYS A 143 -6.82 4.25 26.74
CA CYS A 143 -7.34 2.89 26.64
C CYS A 143 -6.19 1.91 26.46
N VAL A 144 -5.99 1.06 27.45
CA VAL A 144 -4.85 0.14 27.46
C VAL A 144 -5.29 -1.27 27.18
N LEU A 145 -4.76 -1.84 26.11
CA LEU A 145 -5.04 -3.20 25.68
C LEU A 145 -3.76 -3.99 25.82
N VAL A 146 -3.79 -5.10 26.55
CA VAL A 146 -2.56 -5.88 26.74
C VAL A 146 -2.64 -7.22 25.99
N GLN A 147 -1.52 -7.61 25.38
CA GLN A 147 -1.45 -8.87 24.63
C GLN A 147 -0.97 -10.03 25.48
N ILE A 148 -1.73 -11.11 25.46
CA ILE A 148 -1.31 -12.38 26.07
C ILE A 148 -0.97 -13.31 24.91
N GLU A 149 0.27 -13.78 24.90
CA GLU A 149 0.84 -14.41 23.74
C GLU A 149 1.69 -15.61 24.05
N THR A 150 1.67 -16.07 25.31
CA THR A 150 2.44 -17.24 25.71
C THR A 150 1.66 -18.07 26.70
N ARG A 151 2.10 -19.31 26.92
CA ARG A 151 1.48 -20.14 27.95
C ARG A 151 1.56 -19.50 29.33
N GLU A 152 2.70 -18.88 29.64
CA GLU A 152 2.85 -18.15 30.91
C GLU A 152 1.79 -17.05 31.07
N ALA A 153 1.56 -16.29 30.01
CA ALA A 153 0.57 -15.21 30.05
C ALA A 153 -0.84 -15.77 30.22
N MET A 154 -1.15 -16.88 29.53
CA MET A 154 -2.45 -17.52 29.67
C MET A 154 -2.67 -17.95 31.14
N LYS A 155 -1.68 -18.52 31.79
CA LYS A 155 -1.70 -18.84 33.21
C LYS A 155 -2.01 -17.70 34.10
N ASN A 156 -1.48 -16.57 33.75
CA ASN A 156 -1.61 -15.39 34.60
C ASN A 156 -2.82 -14.52 34.27
N LEU A 157 -3.63 -14.98 33.34
CA LEU A 157 -4.74 -14.17 32.84
C LEU A 157 -5.68 -13.70 33.94
N PRO A 158 -6.01 -14.57 34.90
CA PRO A 158 -6.95 -14.10 35.93
C PRO A 158 -6.41 -12.90 36.73
N GLN A 159 -5.12 -12.93 37.06
CA GLN A 159 -4.50 -11.81 37.75
C GLN A 159 -4.39 -10.57 36.84
N ILE A 160 -4.11 -10.79 35.56
CA ILE A 160 -4.02 -9.68 34.61
C ILE A 160 -5.37 -8.98 34.48
N LEU A 161 -6.44 -9.77 34.47
CA LEU A 161 -7.79 -9.22 34.37
C LEU A 161 -8.18 -8.39 35.59
N ASP A 162 -7.56 -8.67 36.73
CA ASP A 162 -7.83 -7.90 37.95
C ASP A 162 -7.12 -6.55 38.01
N VAL A 163 -6.32 -6.23 37.00
CA VAL A 163 -5.57 -4.96 37.03
C VAL A 163 -6.44 -3.80 36.56
N GLU A 164 -6.60 -2.81 37.44
CA GLU A 164 -7.38 -1.62 37.09
C GLU A 164 -6.70 -0.86 35.96
N GLY A 165 -7.49 -0.45 34.97
CA GLY A 165 -6.96 0.27 33.83
C GLY A 165 -6.63 -0.62 32.65
N VAL A 166 -6.60 -1.94 32.86
CA VAL A 166 -6.56 -2.85 31.71
C VAL A 166 -7.97 -2.89 31.15
N ASP A 167 -8.15 -2.30 29.97
CA ASP A 167 -9.48 -2.18 29.36
C ASP A 167 -9.80 -3.37 28.48
N GLY A 168 -8.75 -3.99 27.95
CA GLY A 168 -8.92 -5.10 27.05
C GLY A 168 -7.71 -6.01 27.06
N VAL A 169 -7.94 -7.25 26.69
CA VAL A 169 -6.91 -8.25 26.60
C VAL A 169 -7.01 -8.88 25.23
N PHE A 170 -5.91 -8.81 24.50
CA PHE A 170 -5.82 -9.26 23.13
C PHE A 170 -5.00 -10.55 23.11
N ILE A 171 -5.50 -11.54 22.38
CA ILE A 171 -4.80 -12.80 22.24
C ILE A 171 -4.07 -12.80 20.90
N GLY A 172 -2.76 -13.06 20.95
CA GLY A 172 -1.97 -13.10 19.73
C GLY A 172 -1.74 -14.53 19.29
N PRO A 173 -2.50 -15.00 18.30
CA PRO A 173 -2.47 -16.41 17.93
C PRO A 173 -1.14 -16.86 17.32
N ALA A 174 -0.44 -15.97 16.62
CA ALA A 174 0.81 -16.37 15.98
C ALA A 174 1.86 -16.63 17.03
N ASP A 175 2.06 -15.68 17.94
CA ASP A 175 2.99 -15.88 19.04
C ASP A 175 2.55 -17.01 20.00
N LEU A 176 1.26 -17.10 20.27
CA LEU A 176 0.79 -18.12 21.20
C LEU A 176 1.03 -19.50 20.61
N SER A 177 0.66 -19.67 19.35
CA SER A 177 0.82 -20.98 18.73
C SER A 177 2.30 -21.36 18.68
N ALA A 178 3.17 -20.39 18.42
CA ALA A 178 4.61 -20.67 18.41
C ALA A 178 5.06 -21.10 19.82
N ASP A 179 4.62 -20.39 20.85
CA ASP A 179 5.00 -20.76 22.21
C ASP A 179 4.48 -22.15 22.63
N MET A 180 3.33 -22.53 22.10
CA MET A 180 2.73 -23.83 22.41
C MET A 180 3.32 -24.98 21.60
N GLY A 181 4.18 -24.68 20.62
CA GLY A 181 4.80 -25.70 19.81
C GLY A 181 4.12 -26.00 18.48
N TYR A 182 3.31 -25.06 18.00
CA TYR A 182 2.60 -25.21 16.73
C TYR A 182 2.85 -24.03 15.80
N ALA A 183 4.05 -23.57 15.67
CA ALA A 183 4.31 -22.41 14.90
C ALA A 183 3.67 -22.37 13.58
N GLY A 184 2.96 -21.28 13.33
CA GLY A 184 2.33 -21.10 12.02
C GLY A 184 1.05 -21.90 11.87
N ASN A 185 0.58 -22.46 12.96
CA ASN A 185 -0.59 -23.31 12.92
C ASN A 185 -1.46 -23.02 14.14
N PRO A 186 -2.03 -21.80 14.21
CA PRO A 186 -3.00 -21.59 15.29
C PRO A 186 -4.29 -22.36 15.08
N GLN A 187 -4.46 -23.01 13.93
CA GLN A 187 -5.68 -23.77 13.64
C GLN A 187 -5.75 -25.08 14.43
N HIS A 188 -4.64 -25.47 15.04
CA HIS A 188 -4.60 -26.69 15.83
C HIS A 188 -5.58 -26.63 17.01
N PRO A 189 -6.25 -27.76 17.31
CA PRO A 189 -7.28 -27.80 18.35
C PRO A 189 -6.85 -27.29 19.72
N GLU A 190 -5.65 -27.63 20.16
CA GLU A 190 -5.21 -27.20 21.48
C GLU A 190 -5.05 -25.68 21.52
N VAL A 191 -4.62 -25.09 20.41
CA VAL A 191 -4.48 -23.64 20.32
C VAL A 191 -5.85 -22.99 20.28
N GLN A 192 -6.74 -23.49 19.44
CA GLN A 192 -8.10 -22.94 19.38
C GLN A 192 -8.80 -23.03 20.72
N ALA A 193 -8.63 -24.12 21.43
CA ALA A 193 -9.26 -24.24 22.75
C ALA A 193 -8.73 -23.18 23.71
N ALA A 194 -7.42 -22.96 23.73
CA ALA A 194 -6.82 -21.94 24.59
C ALA A 194 -7.40 -20.56 24.25
N ILE A 195 -7.50 -20.26 22.95
CA ILE A 195 -7.98 -18.96 22.49
C ILE A 195 -9.43 -18.75 22.91
N GLU A 196 -10.26 -19.74 22.62
CA GLU A 196 -11.69 -19.63 22.92
C GLU A 196 -11.92 -19.47 24.41
N GLN A 197 -11.23 -20.27 25.19
CA GLN A 197 -11.37 -20.21 26.64
C GLN A 197 -10.95 -18.84 27.19
N ALA A 198 -9.87 -18.30 26.64
CA ALA A 198 -9.42 -16.97 27.04
C ALA A 198 -10.45 -15.89 26.73
N ILE A 199 -11.01 -15.92 25.51
CA ILE A 199 -12.01 -14.93 25.11
C ILE A 199 -13.18 -14.94 26.08
N VAL A 200 -13.69 -16.12 26.40
CA VAL A 200 -14.81 -16.23 27.33
C VAL A 200 -14.43 -15.72 28.72
N GLN A 201 -13.26 -16.10 29.19
CA GLN A 201 -12.83 -15.68 30.52
C GLN A 201 -12.66 -14.15 30.58
N ILE A 202 -12.08 -13.58 29.53
CA ILE A 202 -11.94 -12.13 29.47
C ILE A 202 -13.29 -11.44 29.53
N ARG A 203 -14.23 -11.85 28.76
CA ARG A 203 -15.51 -11.21 28.74
C ARG A 203 -16.32 -11.37 30.00
N GLU A 204 -16.18 -12.52 30.59
CA GLU A 204 -16.90 -12.78 31.84
C GLU A 204 -16.35 -11.90 32.95
N SER A 205 -15.11 -11.45 32.80
CA SER A 205 -14.52 -10.59 33.81
C SER A 205 -14.94 -9.13 33.64
N GLY A 206 -15.73 -8.83 32.64
CA GLY A 206 -16.16 -7.47 32.38
C GLY A 206 -15.16 -6.66 31.54
N LYS A 207 -14.24 -7.32 30.87
CA LYS A 207 -13.26 -6.61 30.04
C LYS A 207 -13.40 -7.03 28.59
N ALA A 208 -12.77 -6.28 27.70
CA ALA A 208 -12.92 -6.53 26.27
C ALA A 208 -11.89 -7.53 25.72
N PRO A 209 -12.35 -8.62 25.09
CA PRO A 209 -11.40 -9.52 24.45
C PRO A 209 -11.09 -9.06 23.04
N GLY A 210 -9.86 -9.28 22.59
CA GLY A 210 -9.46 -8.89 21.27
C GLY A 210 -8.62 -9.96 20.62
N ILE A 211 -8.53 -9.88 19.30
CA ILE A 211 -7.73 -10.82 18.56
C ILE A 211 -7.57 -10.36 17.12
N LEU A 212 -6.52 -10.82 16.46
CA LEU A 212 -6.35 -10.66 15.01
C LEU A 212 -6.42 -12.03 14.39
N ILE A 213 -7.23 -12.19 13.36
CA ILE A 213 -7.29 -13.44 12.64
C ILE A 213 -7.78 -13.17 11.22
N ALA A 214 -7.06 -13.71 10.24
CA ALA A 214 -7.34 -13.41 8.84
C ALA A 214 -8.39 -14.36 8.26
N ASN A 215 -8.62 -15.49 8.94
CA ASN A 215 -9.69 -16.43 8.56
C ASN A 215 -11.03 -15.90 9.01
N GLU A 216 -11.86 -15.52 8.05
CA GLU A 216 -13.10 -14.82 8.36
C GLU A 216 -14.10 -15.67 9.15
N GLN A 217 -14.08 -16.99 8.97
CA GLN A 217 -14.97 -17.86 9.76
C GLN A 217 -14.54 -17.93 11.23
N LEU A 218 -13.24 -18.03 11.49
CA LEU A 218 -12.77 -17.96 12.87
C LEU A 218 -13.10 -16.61 13.50
N ALA A 219 -12.92 -15.52 12.74
CA ALA A 219 -13.28 -14.20 13.26
C ALA A 219 -14.72 -14.17 13.72
N LYS A 220 -15.61 -14.71 12.91
CA LYS A 220 -17.02 -14.72 13.28
C LYS A 220 -17.27 -15.56 14.55
N ARG A 221 -16.56 -16.68 14.66
CA ARG A 221 -16.64 -17.49 15.87
C ARG A 221 -16.22 -16.66 17.08
N TYR A 222 -15.09 -15.95 16.98
CA TYR A 222 -14.61 -15.19 18.13
C TYR A 222 -15.58 -14.08 18.52
N LEU A 223 -16.17 -13.44 17.51
CA LEU A 223 -17.18 -12.43 17.80
C LEU A 223 -18.39 -13.03 18.56
N GLU A 224 -18.86 -14.18 18.08
CA GLU A 224 -19.95 -14.89 18.77
C GLU A 224 -19.61 -15.20 20.21
N LEU A 225 -18.35 -15.56 20.46
CA LEU A 225 -17.94 -15.89 21.82
C LEU A 225 -17.78 -14.67 22.69
N GLY A 226 -17.90 -13.49 22.09
CA GLY A 226 -17.89 -12.30 22.88
C GLY A 226 -16.66 -11.40 22.70
N ALA A 227 -15.86 -11.63 21.69
CA ALA A 227 -14.72 -10.72 21.44
C ALA A 227 -15.27 -9.36 21.00
N LEU A 228 -14.64 -8.30 21.49
CA LEU A 228 -15.11 -6.94 21.24
C LEU A 228 -14.19 -6.09 20.36
N PHE A 229 -12.92 -6.46 20.21
CA PHE A 229 -12.12 -5.78 19.18
C PHE A 229 -11.38 -6.80 18.35
N VAL A 230 -11.88 -6.98 17.14
CA VAL A 230 -11.43 -8.05 16.30
C VAL A 230 -10.91 -7.48 14.99
N ALA A 231 -9.62 -7.71 14.73
CA ALA A 231 -9.01 -7.31 13.48
C ALA A 231 -9.16 -8.48 12.51
N VAL A 232 -9.67 -8.20 11.31
CA VAL A 232 -10.11 -9.24 10.41
C VAL A 232 -9.26 -9.36 9.18
N GLY A 233 -8.21 -8.54 9.10
CA GLY A 233 -7.28 -8.64 8.00
C GLY A 233 -6.09 -7.71 8.21
N VAL A 234 -5.13 -7.80 7.29
CA VAL A 234 -3.87 -7.06 7.36
C VAL A 234 -3.63 -6.42 5.99
N ASP A 235 -3.27 -5.13 5.95
CA ASP A 235 -3.15 -4.45 4.68
C ASP A 235 -2.15 -5.11 3.72
N THR A 236 -1.00 -5.55 4.23
CA THR A 236 0.02 -6.13 3.36
C THR A 236 -0.51 -7.41 2.70
N THR A 237 -1.19 -8.23 3.49
CA THR A 237 -1.80 -9.47 2.99
C THR A 237 -2.89 -9.22 1.97
N LEU A 238 -3.80 -8.30 2.28
CA LEU A 238 -4.87 -7.96 1.33
C LEU A 238 -4.30 -7.58 0.00
N LEU A 239 -3.29 -6.72 0.02
CA LEU A 239 -2.70 -6.24 -1.21
C LEU A 239 -1.94 -7.35 -1.95
N ALA A 240 -1.09 -8.08 -1.23
CA ALA A 240 -0.25 -9.12 -1.86
C ALA A 240 -1.12 -10.21 -2.48
N ARG A 241 -2.14 -10.65 -1.75
CA ARG A 241 -3.00 -11.74 -2.21
C ARG A 241 -3.90 -11.31 -3.37
N ALA A 242 -4.47 -10.10 -3.33
CA ALA A 242 -5.25 -9.62 -4.46
C ALA A 242 -4.37 -9.48 -5.71
N ALA A 243 -3.14 -9.01 -5.54
CA ALA A 243 -2.25 -8.81 -6.68
C ALA A 243 -1.85 -10.15 -7.27
N GLU A 244 -1.47 -11.10 -6.41
CA GLU A 244 -1.02 -12.41 -6.87
C GLU A 244 -2.15 -13.15 -7.62
N ALA A 245 -3.35 -13.07 -7.08
CA ALA A 245 -4.54 -13.71 -7.69
C ALA A 245 -4.81 -13.10 -9.05
N LEU A 246 -4.72 -11.78 -9.15
CA LEU A 246 -4.89 -11.09 -10.41
C LEU A 246 -3.87 -11.54 -11.45
N ALA A 247 -2.59 -11.56 -11.08
CA ALA A 247 -1.56 -11.95 -12.02
C ALA A 247 -1.79 -13.39 -12.49
N ALA A 248 -2.22 -14.24 -11.56
CA ALA A 248 -2.42 -15.67 -11.88
C ALA A 248 -3.59 -15.88 -12.87
N ARG A 249 -4.61 -15.03 -12.82
CA ARG A 249 -5.72 -15.10 -13.76
C ARG A 249 -5.35 -14.79 -15.20
N PHE A 250 -4.17 -14.22 -15.40
CA PHE A 250 -3.71 -13.92 -16.75
C PHE A 250 -2.52 -14.76 -17.12
N GLY A 251 -2.10 -15.64 -16.21
CA GLY A 251 -0.88 -16.41 -16.40
C GLY A 251 0.35 -15.59 -16.05
N MET B 1 22.43 -4.58 -18.88
CA MET B 1 21.49 -3.44 -19.13
C MET B 1 20.56 -3.70 -20.31
N GLU B 2 20.52 -4.95 -20.78
CA GLU B 2 19.56 -5.33 -21.80
C GLU B 2 18.16 -5.06 -21.27
N ASN B 3 17.31 -4.51 -22.13
CA ASN B 3 15.93 -4.23 -21.75
C ASN B 3 15.05 -5.40 -22.12
N SER B 4 14.71 -6.24 -21.14
CA SER B 4 14.00 -7.47 -21.41
C SER B 4 12.54 -7.22 -21.77
N PHE B 5 11.94 -6.17 -21.21
CA PHE B 5 10.58 -5.79 -21.58
C PHE B 5 10.51 -5.42 -23.07
N LYS B 6 11.44 -4.60 -23.52
CA LYS B 6 11.51 -4.19 -24.91
C LYS B 6 11.68 -5.42 -25.83
N ALA B 7 12.58 -6.32 -25.47
CA ALA B 7 12.80 -7.55 -26.26
C ALA B 7 11.54 -8.40 -26.34
N ALA B 8 10.80 -8.51 -25.23
CA ALA B 8 9.56 -9.27 -25.20
C ALA B 8 8.51 -8.67 -26.12
N LEU B 9 8.37 -7.35 -26.12
CA LEU B 9 7.45 -6.69 -27.05
C LEU B 9 7.84 -6.97 -28.50
N LYS B 10 9.12 -6.82 -28.80
CA LYS B 10 9.60 -7.05 -30.16
C LYS B 10 9.36 -8.51 -30.58
N ALA B 11 9.42 -9.44 -29.63
CA ALA B 11 9.18 -10.86 -29.93
C ALA B 11 7.69 -11.23 -29.95
N GLY B 12 6.81 -10.27 -29.71
CA GLY B 12 5.38 -10.54 -29.64
C GLY B 12 4.91 -11.33 -28.44
N ARG B 13 5.61 -11.29 -27.35
CA ARG B 13 5.20 -11.89 -26.12
C ARG B 13 4.37 -10.91 -25.27
N PRO B 14 3.09 -11.24 -25.03
CA PRO B 14 2.27 -10.31 -24.25
C PRO B 14 2.80 -10.17 -22.82
N GLN B 15 2.73 -8.96 -22.29
CA GLN B 15 3.28 -8.63 -20.97
C GLN B 15 2.13 -8.08 -20.11
N ILE B 16 1.85 -8.74 -19.00
CA ILE B 16 0.76 -8.40 -18.13
C ILE B 16 1.30 -7.51 -16.99
N GLY B 17 0.63 -6.39 -16.73
CA GLY B 17 1.20 -5.39 -15.85
C GLY B 17 0.28 -4.98 -14.71
N LEU B 18 0.87 -4.35 -13.70
CA LEU B 18 0.13 -3.75 -12.63
C LEU B 18 0.60 -2.31 -12.51
N TRP B 19 -0.36 -1.42 -12.31
CA TRP B 19 -0.09 0.00 -12.12
C TRP B 19 0.25 0.30 -10.66
N LEU B 20 1.31 1.08 -10.42
CA LEU B 20 1.70 1.47 -9.07
C LEU B 20 1.48 2.97 -8.83
N GLY B 21 0.46 3.26 -8.06
CA GLY B 21 0.18 4.61 -7.60
C GLY B 21 0.33 4.81 -6.11
N LEU B 22 0.76 3.78 -5.36
CA LEU B 22 0.94 3.95 -3.91
C LEU B 22 2.18 4.77 -3.54
N SER B 23 3.06 4.99 -4.52
CA SER B 23 4.20 5.90 -4.39
C SER B 23 5.10 5.54 -3.20
N SER B 24 5.31 4.26 -3.00
CA SER B 24 6.09 3.78 -1.86
C SER B 24 7.05 2.68 -2.34
N SER B 25 8.32 2.76 -1.94
CA SER B 25 9.27 1.71 -2.30
C SER B 25 8.97 0.41 -1.54
N TYR B 26 8.23 0.49 -0.45
CA TYR B 26 7.93 -0.67 0.35
C TYR B 26 6.83 -1.51 -0.33
N SER B 27 5.70 -0.90 -0.65
CA SER B 27 4.63 -1.61 -1.35
C SER B 27 5.09 -2.02 -2.76
N ALA B 28 5.98 -1.23 -3.37
CA ALA B 28 6.54 -1.62 -4.67
C ALA B 28 7.28 -2.95 -4.61
N GLU B 29 8.06 -3.16 -3.56
CA GLU B 29 8.77 -4.43 -3.41
C GLU B 29 7.77 -5.56 -3.21
N LEU B 30 6.81 -5.34 -2.33
CA LEU B 30 5.75 -6.33 -2.07
C LEU B 30 5.07 -6.76 -3.38
N LEU B 31 4.74 -5.79 -4.23
CA LEU B 31 4.06 -6.06 -5.49
C LEU B 31 4.99 -6.62 -6.56
N ALA B 32 6.29 -6.33 -6.47
CA ALA B 32 7.25 -6.86 -7.43
C ALA B 32 7.37 -8.37 -7.36
N GLY B 33 6.94 -8.96 -6.24
CA GLY B 33 7.00 -10.39 -6.06
C GLY B 33 5.69 -11.09 -6.38
N ALA B 34 4.72 -10.35 -6.93
CA ALA B 34 3.39 -10.89 -7.15
C ALA B 34 3.18 -11.63 -8.47
N GLY B 35 4.16 -11.60 -9.37
CA GLY B 35 4.05 -12.37 -10.60
C GLY B 35 3.80 -11.61 -11.89
N PHE B 36 3.74 -10.27 -11.85
CA PHE B 36 3.52 -9.50 -13.08
C PHE B 36 4.75 -9.42 -13.96
N ASP B 37 4.53 -9.27 -15.27
CA ASP B 37 5.64 -9.07 -16.19
C ASP B 37 6.20 -7.63 -16.10
N TRP B 38 5.34 -6.68 -15.81
CA TRP B 38 5.75 -5.28 -15.70
C TRP B 38 4.95 -4.52 -14.67
N LEU B 39 5.57 -3.42 -14.21
CA LEU B 39 4.99 -2.56 -13.19
C LEU B 39 5.16 -1.12 -13.65
N LEU B 40 4.09 -0.33 -13.55
CA LEU B 40 4.07 1.05 -14.02
C LEU B 40 4.18 1.97 -12.82
N ILE B 41 5.31 2.66 -12.72
CA ILE B 41 5.50 3.68 -11.70
C ILE B 41 4.99 5.02 -12.24
N ASP B 42 3.89 5.49 -11.68
CA ASP B 42 3.15 6.58 -12.27
C ASP B 42 3.58 7.93 -11.73
N GLY B 43 4.32 8.67 -12.54
CA GLY B 43 4.71 10.03 -12.19
C GLY B 43 3.72 11.07 -12.63
N GLU B 44 2.63 10.68 -13.28
CA GLU B 44 1.66 11.66 -13.77
C GLU B 44 0.49 11.81 -12.82
N HIS B 45 -0.03 10.69 -12.32
CA HIS B 45 -1.28 10.73 -11.52
C HIS B 45 -1.12 10.18 -10.10
N ALA B 46 0.11 9.90 -9.69
CA ALA B 46 0.40 9.57 -8.32
C ALA B 46 1.49 10.53 -7.82
N PRO B 47 1.57 10.77 -6.50
CA PRO B 47 2.55 11.73 -5.97
C PRO B 47 4.00 11.20 -5.99
N ASN B 48 4.55 11.00 -7.18
CA ASN B 48 5.93 10.55 -7.32
C ASN B 48 6.78 11.67 -7.86
N ASN B 49 8.09 11.59 -7.66
CA ASN B 49 9.03 12.47 -8.38
C ASN B 49 10.26 11.64 -8.74
N VAL B 50 11.31 12.27 -9.25
CA VAL B 50 12.49 11.52 -9.68
C VAL B 50 13.05 10.69 -8.53
N GLN B 51 13.07 11.27 -7.34
CA GLN B 51 13.59 10.59 -6.15
CA GLN B 51 13.60 10.59 -6.17
C GLN B 51 12.79 9.36 -5.73
N THR B 52 11.47 9.45 -5.75
CA THR B 52 10.67 8.28 -5.37
C THR B 52 10.66 7.24 -6.48
N VAL B 53 10.79 7.66 -7.73
CA VAL B 53 10.97 6.69 -8.84
C VAL B 53 12.26 5.89 -8.60
N LEU B 54 13.34 6.62 -8.32
CA LEU B 54 14.62 5.96 -7.98
C LEU B 54 14.48 4.88 -6.91
N THR B 55 13.85 5.20 -5.79
CA THR B 55 13.74 4.19 -4.73
C THR B 55 12.82 3.02 -5.11
N GLN B 56 11.79 3.28 -5.90
CA GLN B 56 10.97 2.18 -6.40
C GLN B 56 11.72 1.31 -7.40
N LEU B 57 12.55 1.90 -8.25
CA LEU B 57 13.41 1.12 -9.13
C LEU B 57 14.37 0.24 -8.32
N GLN B 58 14.92 0.77 -7.23
CA GLN B 58 15.83 -0.03 -6.40
C GLN B 58 15.09 -1.18 -5.76
N ALA B 59 13.87 -0.93 -5.30
CA ALA B 59 13.09 -1.96 -4.63
C ALA B 59 12.75 -3.10 -5.59
N ILE B 60 12.39 -2.75 -6.82
CA ILE B 60 11.96 -3.70 -7.85
C ILE B 60 13.11 -4.53 -8.47
N ALA B 61 14.31 -3.96 -8.44
CA ALA B 61 15.46 -4.45 -9.20
C ALA B 61 15.73 -5.96 -9.13
N PRO B 62 15.65 -6.59 -7.94
CA PRO B 62 16.03 -8.01 -7.90
C PRO B 62 14.92 -8.95 -8.36
N TYR B 63 13.73 -8.41 -8.65
CA TYR B 63 12.59 -9.22 -9.04
C TYR B 63 12.51 -9.36 -10.56
N PRO B 64 11.78 -10.35 -11.07
CA PRO B 64 11.64 -10.53 -12.51
C PRO B 64 10.76 -9.46 -13.19
N SER B 65 9.84 -8.87 -12.43
CA SER B 65 8.96 -7.84 -12.98
C SER B 65 9.75 -6.61 -13.45
N GLN B 66 9.44 -6.14 -14.65
CA GLN B 66 10.20 -5.06 -15.25
C GLN B 66 9.52 -3.71 -15.02
N PRO B 67 10.30 -2.69 -14.61
CA PRO B 67 9.72 -1.37 -14.34
C PRO B 67 9.52 -0.56 -15.60
N VAL B 68 8.37 0.13 -15.65
CA VAL B 68 8.09 1.13 -16.65
C VAL B 68 7.71 2.42 -15.91
N VAL B 69 8.15 3.57 -16.41
CA VAL B 69 7.91 4.84 -15.71
C VAL B 69 7.14 5.81 -16.58
N ARG B 70 6.09 6.40 -16.01
CA ARG B 70 5.35 7.42 -16.71
C ARG B 70 5.73 8.80 -16.16
N PRO B 71 6.38 9.64 -16.99
CA PRO B 71 6.62 11.03 -16.56
C PRO B 71 5.31 11.82 -16.53
N SER B 72 5.30 13.00 -15.91
CA SER B 72 4.05 13.76 -15.80
C SER B 72 3.67 14.43 -17.12
N TRP B 73 4.64 14.54 -18.03
CA TRP B 73 4.41 15.15 -19.34
C TRP B 73 5.54 14.73 -20.27
N ASN B 74 5.37 14.98 -21.58
CA ASN B 74 6.44 14.76 -22.56
C ASN B 74 7.48 15.88 -22.47
N ASP B 75 8.27 15.85 -21.42
CA ASP B 75 9.19 16.93 -21.07
C ASP B 75 10.59 16.37 -21.12
N PRO B 76 11.39 16.86 -22.05
CA PRO B 76 12.74 16.28 -22.23
C PRO B 76 13.65 16.41 -21.00
N VAL B 77 13.46 17.44 -20.20
CA VAL B 77 14.25 17.60 -18.98
C VAL B 77 13.91 16.55 -17.94
N GLN B 78 12.61 16.37 -17.68
CA GLN B 78 12.17 15.35 -16.76
C GLN B 78 12.58 13.95 -17.25
N ILE B 79 12.47 13.74 -18.56
CA ILE B 79 12.87 12.46 -19.15
C ILE B 79 14.37 12.21 -18.92
N LYS B 80 15.20 13.22 -19.18
CA LYS B 80 16.63 13.12 -18.92
C LYS B 80 16.86 12.65 -17.49
N GLN B 81 16.16 13.25 -16.52
CA GLN B 81 16.40 12.93 -15.12
C GLN B 81 15.97 11.53 -14.77
N LEU B 82 14.83 11.10 -15.32
CA LEU B 82 14.31 9.76 -15.10
C LEU B 82 15.24 8.69 -15.70
N LEU B 83 15.80 8.98 -16.88
CA LEU B 83 16.73 8.03 -17.51
C LEU B 83 18.01 7.88 -16.69
N ASP B 84 18.54 8.98 -16.17
CA ASP B 84 19.78 8.88 -15.40
C ASP B 84 19.63 8.07 -14.12
N VAL B 85 18.47 8.09 -13.46
CA VAL B 85 18.29 7.24 -12.29
C VAL B 85 18.03 5.79 -12.67
N GLY B 86 17.94 5.50 -13.97
CA GLY B 86 17.95 4.14 -14.47
C GLY B 86 16.70 3.69 -15.20
N THR B 87 15.76 4.60 -15.50
CA THR B 87 14.58 4.26 -16.29
C THR B 87 15.01 3.88 -17.72
N GLN B 88 14.52 2.74 -18.21
CA GLN B 88 14.78 2.32 -19.58
C GLN B 88 13.52 2.18 -20.44
N THR B 89 12.37 2.15 -19.78
CA THR B 89 11.10 2.03 -20.50
C THR B 89 10.19 3.14 -19.99
N LEU B 90 9.76 4.00 -20.92
CA LEU B 90 9.00 5.21 -20.61
C LEU B 90 7.63 5.16 -21.27
N LEU B 91 6.60 5.50 -20.51
CA LEU B 91 5.24 5.65 -21.02
C LEU B 91 4.88 7.13 -20.96
N VAL B 92 4.83 7.75 -22.13
CA VAL B 92 4.73 9.19 -22.22
C VAL B 92 3.28 9.62 -22.47
N PRO B 93 2.71 10.41 -21.55
CA PRO B 93 1.28 10.73 -21.71
C PRO B 93 1.01 11.81 -22.76
N MET B 94 -0.23 11.83 -23.25
CA MET B 94 -0.72 12.91 -24.11
C MET B 94 0.14 13.21 -25.31
N VAL B 95 0.54 12.17 -26.03
CA VAL B 95 1.28 12.37 -27.25
C VAL B 95 0.24 12.53 -28.38
N GLN B 96 0.22 13.70 -29.01
CA GLN B 96 -0.92 14.12 -29.85
C GLN B 96 -0.68 13.95 -31.34
N ASN B 97 0.58 13.84 -31.74
CA ASN B 97 0.94 13.82 -33.14
C ASN B 97 2.34 13.27 -33.32
N ALA B 98 2.78 13.11 -34.56
CA ALA B 98 4.07 12.49 -34.86
C ALA B 98 5.26 13.34 -34.42
N ASP B 99 5.14 14.67 -34.51
CA ASP B 99 6.21 15.53 -34.00
C ASP B 99 6.46 15.30 -32.50
N GLU B 100 5.38 15.20 -31.72
CA GLU B 100 5.50 14.95 -30.28
C GLU B 100 6.03 13.55 -30.00
N ALA B 101 5.65 12.58 -30.81
CA ALA B 101 6.21 11.24 -30.67
C ALA B 101 7.73 11.25 -30.95
N ARG B 102 8.15 11.96 -32.00
CA ARG B 102 9.58 12.08 -32.31
C ARG B 102 10.35 12.77 -31.19
N GLU B 103 9.76 13.75 -30.56
CA GLU B 103 10.33 14.49 -29.48
C GLU B 103 10.57 13.57 -28.28
N ALA B 104 9.59 12.73 -28.02
CA ALA B 104 9.71 11.76 -26.93
C ALA B 104 10.86 10.83 -27.21
N VAL B 105 10.94 10.32 -28.44
CA VAL B 105 12.03 9.41 -28.79
C VAL B 105 13.39 10.10 -28.65
N ARG B 106 13.53 11.28 -29.15
CA ARG B 106 14.74 12.04 -29.14
C ARG B 106 15.25 12.33 -27.74
N ALA B 107 14.30 12.57 -26.88
CA ALA B 107 14.66 12.87 -25.49
C ALA B 107 15.36 11.69 -24.80
N THR B 108 15.25 10.49 -25.36
CA THR B 108 15.80 9.29 -24.73
C THR B 108 17.11 8.84 -25.36
N ARG B 109 17.56 9.54 -26.41
CA ARG B 109 18.75 9.12 -27.15
C ARG B 109 19.86 10.16 -27.10
N TYR B 110 21.07 9.68 -26.87
CA TYR B 110 22.23 10.54 -26.93
C TYR B 110 22.47 11.02 -28.37
N PRO B 111 23.11 12.18 -28.52
CA PRO B 111 23.48 12.65 -29.86
C PRO B 111 24.37 11.61 -30.57
N PRO B 112 24.27 11.49 -31.90
CA PRO B 112 23.45 12.36 -32.74
C PRO B 112 21.99 11.91 -32.88
N ALA B 113 21.60 10.76 -32.33
CA ALA B 113 20.23 10.26 -32.52
C ALA B 113 19.18 11.02 -31.70
N GLY B 114 19.63 11.76 -30.69
CA GLY B 114 18.71 12.52 -29.86
C GLY B 114 19.37 13.64 -29.10
N ILE B 115 18.68 14.12 -28.07
CA ILE B 115 19.16 15.26 -27.29
C ILE B 115 19.38 14.92 -25.82
N ARG B 116 19.42 13.63 -25.48
CA ARG B 116 19.67 13.24 -24.09
C ARG B 116 20.97 13.85 -23.57
N GLY B 117 20.89 14.54 -22.44
CA GLY B 117 22.07 15.09 -21.81
C GLY B 117 22.98 14.04 -21.19
N VAL B 118 24.29 14.28 -21.27
CA VAL B 118 25.27 13.29 -20.85
C VAL B 118 25.75 13.55 -19.42
N GLY B 119 25.55 12.57 -18.54
CA GLY B 119 26.02 12.67 -17.16
C GLY B 119 26.29 11.31 -16.56
N SER B 120 27.01 10.46 -17.28
CA SER B 120 27.10 9.04 -16.90
C SER B 120 27.87 8.79 -15.63
N ALA B 121 28.84 9.64 -15.29
CA ALA B 121 29.60 9.43 -14.06
C ALA B 121 28.69 9.47 -12.85
N LEU B 122 27.62 10.24 -12.93
CA LEU B 122 26.74 10.47 -11.83
C LEU B 122 25.54 9.56 -11.80
N ALA B 123 25.35 8.76 -12.80
CA ALA B 123 24.06 8.11 -13.05
C ALA B 123 24.01 6.68 -12.59
N ARG B 124 22.97 6.33 -11.84
CA ARG B 124 22.66 4.93 -11.61
C ARG B 124 22.52 4.18 -12.95
N ALA B 125 22.06 4.86 -13.99
CA ALA B 125 21.83 4.20 -15.27
C ALA B 125 23.09 3.50 -15.81
N SER B 126 24.25 4.12 -15.60
CA SER B 126 25.51 3.54 -16.06
C SER B 126 26.20 2.73 -14.97
N ARG B 127 25.52 2.61 -13.84
CA ARG B 127 26.09 2.18 -12.57
C ARG B 127 27.37 2.95 -12.27
N TRP B 128 27.26 4.27 -12.40
CA TRP B 128 28.32 5.19 -12.09
C TRP B 128 29.58 4.79 -12.87
N ASN B 129 29.34 4.55 -14.16
CA ASN B 129 30.38 4.21 -15.15
C ASN B 129 30.99 2.83 -15.04
N ARG B 130 30.36 1.93 -14.29
CA ARG B 130 30.77 0.54 -14.28
C ARG B 130 30.37 -0.23 -15.51
N ILE B 131 29.29 0.19 -16.16
CA ILE B 131 28.88 -0.49 -17.37
C ILE B 131 29.80 0.00 -18.48
N PRO B 132 30.57 -0.92 -19.08
CA PRO B 132 31.51 -0.51 -20.13
C PRO B 132 30.79 -0.05 -21.39
N ASP B 133 31.26 1.03 -21.99
CA ASP B 133 30.68 1.53 -23.23
C ASP B 133 29.20 1.88 -23.05
N TYR B 134 28.85 2.35 -21.86
CA TYR B 134 27.46 2.67 -21.58
C TYR B 134 26.92 3.62 -22.63
N LEU B 135 27.67 4.68 -22.92
CA LEU B 135 27.18 5.69 -23.83
C LEU B 135 26.87 5.16 -25.22
N GLN B 136 27.60 4.12 -25.63
CA GLN B 136 27.38 3.49 -26.93
C GLN B 136 26.30 2.44 -26.89
N LYS B 137 25.99 1.92 -25.70
CA LYS B 137 24.97 0.86 -25.61
C LYS B 137 23.59 1.34 -25.22
N ALA B 138 23.49 2.54 -24.66
CA ALA B 138 22.24 2.95 -23.98
C ALA B 138 21.07 3.13 -24.95
N ASN B 139 21.32 3.78 -26.09
CA ASN B 139 20.21 4.17 -26.98
C ASN B 139 19.37 2.97 -27.39
N ASP B 140 20.02 1.87 -27.72
CA ASP B 140 19.33 0.68 -28.22
C ASP B 140 18.51 -0.04 -27.16
N GLN B 141 18.75 0.25 -25.87
CA GLN B 141 17.99 -0.41 -24.81
C GLN B 141 16.87 0.48 -24.26
N MET B 142 16.69 1.67 -24.82
CA MET B 142 15.55 2.51 -24.45
C MET B 142 14.29 2.05 -25.18
N CYS B 143 13.21 1.97 -24.43
CA CYS B 143 11.91 1.57 -24.98
C CYS B 143 10.90 2.69 -24.77
N VAL B 144 10.44 3.28 -25.87
CA VAL B 144 9.55 4.43 -25.83
C VAL B 144 8.12 4.01 -26.22
N LEU B 145 7.20 4.25 -25.30
CA LEU B 145 5.79 3.94 -25.41
C LEU B 145 5.03 5.28 -25.34
N VAL B 146 4.22 5.58 -26.35
CA VAL B 146 3.52 6.86 -26.35
C VAL B 146 2.02 6.65 -26.15
N GLN B 147 1.40 7.52 -25.38
CA GLN B 147 -0.03 7.40 -25.12
C GLN B 147 -0.86 8.22 -26.09
N ILE B 148 -1.86 7.58 -26.65
CA ILE B 148 -2.85 8.28 -27.44
C ILE B 148 -4.13 8.32 -26.64
N GLU B 149 -4.61 9.53 -26.38
CA GLU B 149 -5.74 9.60 -25.45
C GLU B 149 -6.69 10.75 -25.72
N THR B 150 -6.72 11.21 -26.96
CA THR B 150 -7.70 12.19 -27.41
C THR B 150 -8.14 11.81 -28.82
N ARG B 151 -9.22 12.42 -29.29
CA ARG B 151 -9.65 12.24 -30.69
C ARG B 151 -8.58 12.70 -31.66
N GLU B 152 -7.93 13.81 -31.33
CA GLU B 152 -6.85 14.33 -32.17
C GLU B 152 -5.73 13.29 -32.33
N ALA B 153 -5.32 12.68 -31.22
CA ALA B 153 -4.26 11.67 -31.26
C ALA B 153 -4.68 10.48 -32.13
N MET B 154 -5.93 10.04 -31.97
CA MET B 154 -6.44 8.91 -32.75
C MET B 154 -6.38 9.24 -34.23
N LYS B 155 -6.72 10.48 -34.58
CA LYS B 155 -6.67 10.96 -35.95
C LYS B 155 -5.25 10.90 -36.48
N ASN B 156 -4.26 11.17 -35.64
CA ASN B 156 -2.87 11.21 -36.08
C ASN B 156 -2.14 9.87 -35.95
N LEU B 157 -2.86 8.82 -35.58
CA LEU B 157 -2.22 7.54 -35.26
C LEU B 157 -1.37 6.99 -36.40
N PRO B 158 -1.86 7.11 -37.65
CA PRO B 158 -1.07 6.55 -38.75
C PRO B 158 0.32 7.20 -38.87
N GLN B 159 0.40 8.50 -38.69
CA GLN B 159 1.70 9.17 -38.72
C GLN B 159 2.54 8.83 -37.48
N ILE B 160 1.90 8.73 -36.32
CA ILE B 160 2.60 8.32 -35.12
C ILE B 160 3.22 6.95 -35.29
N LEU B 161 2.51 6.06 -35.94
CA LEU B 161 2.99 4.72 -36.15
C LEU B 161 4.16 4.65 -37.14
N ASP B 162 4.40 5.70 -37.88
CA ASP B 162 5.52 5.76 -38.77
C ASP B 162 6.80 6.29 -38.12
N VAL B 163 6.75 6.58 -36.84
CA VAL B 163 7.87 7.18 -36.18
C VAL B 163 8.87 6.15 -35.65
N GLU B 164 10.10 6.18 -36.15
CA GLU B 164 11.12 5.24 -35.73
C GLU B 164 11.42 5.49 -34.26
N GLY B 165 11.53 4.44 -33.45
CA GLY B 165 11.82 4.63 -32.04
C GLY B 165 10.60 4.41 -31.17
N VAL B 166 9.42 4.69 -31.73
CA VAL B 166 8.22 4.42 -31.02
C VAL B 166 8.01 2.91 -31.02
N ASP B 167 8.25 2.28 -29.90
CA ASP B 167 8.13 0.87 -29.76
C ASP B 167 6.72 0.39 -29.46
N GLY B 168 5.93 1.27 -28.88
CA GLY B 168 4.60 0.90 -28.44
C GLY B 168 3.69 2.10 -28.38
N VAL B 169 2.41 1.84 -28.57
CA VAL B 169 1.39 2.86 -28.48
C VAL B 169 0.34 2.39 -27.49
N PHE B 170 0.12 3.20 -26.46
CA PHE B 170 -0.75 2.88 -25.36
C PHE B 170 -2.01 3.73 -25.50
N ILE B 171 -3.16 3.09 -25.36
CA ILE B 171 -4.42 3.85 -25.42
C ILE B 171 -4.88 4.10 -24.00
N GLY B 172 -5.15 5.36 -23.66
CA GLY B 172 -5.63 5.67 -22.33
C GLY B 172 -7.13 5.87 -22.32
N PRO B 173 -7.89 4.87 -21.85
CA PRO B 173 -9.35 4.91 -21.98
C PRO B 173 -10.01 5.99 -21.11
N ALA B 174 -9.43 6.33 -19.96
CA ALA B 174 -10.05 7.34 -19.10
C ALA B 174 -10.00 8.69 -19.80
N ASP B 175 -8.81 9.11 -20.23
CA ASP B 175 -8.67 10.39 -20.93
C ASP B 175 -9.41 10.37 -22.27
N LEU B 176 -9.34 9.26 -22.98
CA LEU B 176 -9.98 9.20 -24.29
C LEU B 176 -11.49 9.35 -24.16
N SER B 177 -12.08 8.59 -23.26
CA SER B 177 -13.52 8.63 -23.07
C SER B 177 -13.95 10.03 -22.63
N ALA B 178 -13.16 10.68 -21.77
CA ALA B 178 -13.48 12.06 -21.38
C ALA B 178 -13.46 13.00 -22.61
N ASP B 179 -12.43 12.88 -23.44
CA ASP B 179 -12.31 13.72 -24.62
C ASP B 179 -13.43 13.45 -25.61
N MET B 180 -13.96 12.23 -25.59
CA MET B 180 -15.03 11.85 -26.53
C MET B 180 -16.43 12.23 -26.03
N GLY B 181 -16.51 12.73 -24.79
CA GLY B 181 -17.79 13.14 -24.22
C GLY B 181 -18.43 12.12 -23.29
N TYR B 182 -17.69 11.09 -22.88
CA TYR B 182 -18.21 10.07 -21.98
C TYR B 182 -17.46 9.99 -20.65
N ALA B 183 -17.13 11.14 -20.11
CA ALA B 183 -16.27 11.23 -18.92
C ALA B 183 -16.65 10.20 -17.87
N GLY B 184 -15.67 9.43 -17.42
CA GLY B 184 -14.43 9.16 -18.12
C GLY B 184 -14.61 7.67 -18.23
N ASN B 185 -15.88 7.32 -18.52
CA ASN B 185 -16.34 5.96 -18.55
C ASN B 185 -16.25 5.33 -19.93
N PRO B 186 -15.31 4.45 -20.07
CA PRO B 186 -14.94 4.00 -21.39
C PRO B 186 -15.79 2.85 -21.89
N GLN B 187 -16.69 2.37 -21.08
CA GLN B 187 -17.45 1.19 -21.46
C GLN B 187 -18.41 1.43 -22.61
N HIS B 188 -18.64 2.67 -22.99
CA HIS B 188 -19.50 2.94 -24.10
C HIS B 188 -19.05 2.38 -25.42
N PRO B 189 -19.98 1.99 -26.30
CA PRO B 189 -19.58 1.37 -27.56
C PRO B 189 -18.71 2.20 -28.42
N GLU B 190 -18.95 3.47 -28.43
CA GLU B 190 -18.18 4.35 -29.25
C GLU B 190 -16.71 4.37 -28.81
N VAL B 191 -16.49 4.31 -27.52
CA VAL B 191 -15.14 4.37 -26.98
C VAL B 191 -14.48 3.01 -27.24
N GLN B 192 -15.21 1.94 -26.96
CA GLN B 192 -14.71 0.60 -27.19
C GLN B 192 -14.31 0.39 -28.65
N ALA B 193 -15.10 0.94 -29.56
CA ALA B 193 -14.79 0.80 -30.97
C ALA B 193 -13.48 1.49 -31.33
N ALA B 194 -13.29 2.69 -30.82
CA ALA B 194 -12.05 3.43 -31.10
C ALA B 194 -10.85 2.68 -30.52
N ILE B 195 -11.03 2.14 -29.33
CA ILE B 195 -9.94 1.42 -28.66
C ILE B 195 -9.57 0.19 -29.46
N GLU B 196 -10.55 -0.61 -29.85
CA GLU B 196 -10.26 -1.89 -30.50
C GLU B 196 -9.70 -1.69 -31.89
N GLN B 197 -10.18 -0.66 -32.57
CA GLN B 197 -9.67 -0.37 -33.90
C GLN B 197 -8.23 0.08 -33.81
N ALA B 198 -7.91 0.87 -32.80
CA ALA B 198 -6.53 1.33 -32.61
C ALA B 198 -5.60 0.15 -32.32
N ILE B 199 -6.03 -0.77 -31.44
CA ILE B 199 -5.20 -1.92 -31.13
C ILE B 199 -4.82 -2.71 -32.40
N VAL B 200 -5.81 -2.99 -33.24
CA VAL B 200 -5.57 -3.71 -34.49
C VAL B 200 -4.58 -2.95 -35.36
N GLN B 201 -4.83 -1.66 -35.55
CA GLN B 201 -3.99 -0.82 -36.39
C GLN B 201 -2.55 -0.70 -35.87
N ILE B 202 -2.41 -0.60 -34.55
CA ILE B 202 -1.07 -0.55 -33.95
C ILE B 202 -0.32 -1.84 -34.23
N ARG B 203 -0.94 -2.97 -33.93
CA ARG B 203 -0.26 -4.24 -34.10
C ARG B 203 0.09 -4.47 -35.58
N GLU B 204 -0.78 -4.02 -36.46
CA GLU B 204 -0.58 -4.16 -37.90
C GLU B 204 0.71 -3.47 -38.36
N SER B 205 1.11 -2.40 -37.67
CA SER B 205 2.28 -1.64 -38.06
C SER B 205 3.56 -2.28 -37.56
N GLY B 206 3.43 -3.36 -36.81
CA GLY B 206 4.59 -4.00 -36.21
C GLY B 206 5.00 -3.38 -34.86
N LYS B 207 4.16 -2.51 -34.31
CA LYS B 207 4.45 -1.91 -33.00
C LYS B 207 3.55 -2.54 -31.94
N ALA B 208 3.88 -2.33 -30.67
CA ALA B 208 3.16 -2.98 -29.58
C ALA B 208 2.00 -2.14 -29.11
N PRO B 209 0.78 -2.72 -29.09
CA PRO B 209 -0.31 -1.95 -28.47
C PRO B 209 -0.35 -2.19 -26.98
N GLY B 210 -0.75 -1.16 -26.24
CA GLY B 210 -0.89 -1.26 -24.80
C GLY B 210 -2.12 -0.54 -24.31
N ILE B 211 -2.52 -0.87 -23.09
CA ILE B 211 -3.69 -0.30 -22.48
C ILE B 211 -3.72 -0.69 -21.01
N LEU B 212 -4.43 0.12 -20.22
CA LEU B 212 -4.75 -0.20 -18.84
C LEU B 212 -6.25 -0.41 -18.78
N ILE B 213 -6.66 -1.52 -18.21
CA ILE B 213 -8.08 -1.77 -18.02
C ILE B 213 -8.26 -2.71 -16.84
N ALA B 214 -9.17 -2.29 -15.94
CA ALA B 214 -9.41 -3.00 -14.69
C ALA B 214 -10.46 -4.10 -14.87
N ASN B 215 -11.28 -3.99 -15.92
CA ASN B 215 -12.22 -5.06 -16.28
C ASN B 215 -11.49 -6.22 -16.96
N GLU B 216 -11.47 -7.37 -16.31
CA GLU B 216 -10.64 -8.48 -16.78
C GLU B 216 -11.15 -9.09 -18.08
N GLN B 217 -12.45 -9.03 -18.30
CA GLN B 217 -13.01 -9.55 -19.55
C GLN B 217 -12.55 -8.67 -20.71
N LEU B 218 -12.60 -7.36 -20.53
CA LEU B 218 -12.10 -6.47 -21.56
C LEU B 218 -10.61 -6.65 -21.83
N ALA B 219 -9.83 -6.88 -20.76
CA ALA B 219 -8.40 -7.11 -20.89
C ALA B 219 -8.14 -8.32 -21.79
N LYS B 220 -8.88 -9.40 -21.58
CA LYS B 220 -8.69 -10.60 -22.39
C LYS B 220 -9.08 -10.34 -23.85
N ARG B 221 -10.13 -9.54 -24.02
CA ARG B 221 -10.56 -9.12 -25.34
C ARG B 221 -9.47 -8.33 -26.06
N TYR B 222 -8.80 -7.43 -25.34
CA TYR B 222 -7.76 -6.63 -25.95
C TYR B 222 -6.54 -7.49 -26.29
N LEU B 223 -6.22 -8.44 -25.41
CA LEU B 223 -5.12 -9.35 -25.68
C LEU B 223 -5.43 -10.18 -26.95
N GLU B 224 -6.68 -10.61 -27.08
CA GLU B 224 -7.07 -11.42 -28.25
C GLU B 224 -6.96 -10.62 -29.55
N LEU B 225 -7.13 -9.30 -29.46
CA LEU B 225 -6.97 -8.43 -30.61
C LEU B 225 -5.52 -8.08 -30.90
N GLY B 226 -4.59 -8.54 -30.08
CA GLY B 226 -3.18 -8.34 -30.36
C GLY B 226 -2.44 -7.34 -29.47
N ALA B 227 -3.08 -6.87 -28.40
CA ALA B 227 -2.38 -5.99 -27.46
C ALA B 227 -1.22 -6.75 -26.82
N LEU B 228 -0.09 -6.08 -26.61
CA LEU B 228 1.09 -6.72 -26.06
C LEU B 228 1.56 -6.21 -24.67
N PHE B 229 1.14 -5.02 -24.25
CA PHE B 229 1.37 -4.65 -22.85
C PHE B 229 0.09 -4.14 -22.22
N VAL B 230 -0.48 -5.00 -21.40
CA VAL B 230 -1.78 -4.76 -20.85
C VAL B 230 -1.66 -4.75 -19.34
N ALA B 231 -1.96 -3.60 -18.75
CA ALA B 231 -2.02 -3.51 -17.30
C ALA B 231 -3.44 -3.86 -16.90
N VAL B 232 -3.57 -4.75 -15.93
CA VAL B 232 -4.86 -5.37 -15.63
C VAL B 232 -5.41 -4.97 -14.26
N GLY B 233 -4.70 -4.07 -13.58
CA GLY B 233 -5.18 -3.56 -12.31
C GLY B 233 -4.28 -2.43 -11.81
N VAL B 234 -4.72 -1.81 -10.72
CA VAL B 234 -4.06 -0.66 -10.09
C VAL B 234 -3.93 -0.95 -8.60
N ASP B 235 -2.73 -0.76 -8.03
CA ASP B 235 -2.52 -1.06 -6.61
C ASP B 235 -3.51 -0.38 -5.67
N THR B 236 -3.77 0.90 -5.87
CA THR B 236 -4.66 1.61 -4.97
C THR B 236 -6.08 1.00 -4.99
N THR B 237 -6.57 0.69 -6.18
CA THR B 237 -7.88 0.05 -6.34
C THR B 237 -7.94 -1.33 -5.71
N LEU B 238 -6.94 -2.17 -5.98
CA LEU B 238 -6.91 -3.51 -5.42
C LEU B 238 -6.99 -3.42 -3.91
N LEU B 239 -6.19 -2.54 -3.32
CA LEU B 239 -6.20 -2.41 -1.86
C LEU B 239 -7.53 -1.86 -1.32
N ALA B 240 -8.01 -0.76 -1.91
CA ALA B 240 -9.22 -0.12 -1.42
C ALA B 240 -10.43 -1.05 -1.53
N ARG B 241 -10.57 -1.70 -2.68
CA ARG B 241 -11.75 -2.52 -2.92
C ARG B 241 -11.70 -3.79 -2.03
N ALA B 242 -10.52 -4.37 -1.84
CA ALA B 242 -10.42 -5.53 -0.99
C ALA B 242 -10.71 -5.18 0.47
N ALA B 243 -10.26 -4.02 0.91
CA ALA B 243 -10.46 -3.61 2.28
C ALA B 243 -11.95 -3.30 2.50
N GLU B 244 -12.55 -2.58 1.56
CA GLU B 244 -13.98 -2.24 1.68
C GLU B 244 -14.85 -3.49 1.72
N ALA B 245 -14.56 -4.44 0.86
CA ALA B 245 -15.35 -5.67 0.78
C ALA B 245 -15.24 -6.42 2.10
N LEU B 246 -14.03 -6.53 2.62
CA LEU B 246 -13.78 -7.16 3.91
C LEU B 246 -14.57 -6.49 5.04
N ALA B 247 -14.52 -5.16 5.14
CA ALA B 247 -15.25 -4.46 6.18
C ALA B 247 -16.76 -4.71 6.05
N ALA B 248 -17.26 -4.72 4.81
CA ALA B 248 -18.70 -4.88 4.60
C ALA B 248 -19.18 -6.27 5.02
N ARG B 249 -18.34 -7.28 4.85
CA ARG B 249 -18.69 -8.63 5.26
C ARG B 249 -18.86 -8.78 6.77
N PHE B 250 -18.40 -7.81 7.55
CA PHE B 250 -18.52 -7.85 8.99
C PHE B 250 -19.47 -6.80 9.49
N GLY B 251 -20.18 -6.15 8.56
CA GLY B 251 -21.14 -5.12 8.92
C GLY B 251 -20.49 -3.84 9.39
#